data_3BPX
#
_entry.id   3BPX
#
_cell.length_a   40.109
_cell.length_b   51.527
_cell.length_c   139.243
_cell.angle_alpha   90.00
_cell.angle_beta   90.00
_cell.angle_gamma   90.00
#
_symmetry.space_group_name_H-M   'P 21 21 21'
#
loop_
_entity.id
_entity.type
_entity.pdbx_description
1 polymer 'Transcriptional regulator'
2 non-polymer 'SODIUM ION'
3 non-polymer '2-HYDROXYBENZOIC ACID'
4 water water
#
_entity_poly.entity_id   1
_entity_poly.type   'polypeptide(L)'
_entity_poly.pdbx_seq_one_letter_code
;GSHMDRDIPLKGLLSIILRSHRVFIGRELGHLNLTDAQVACLLRIHREPGIKQDELATFFHVDKGTIARTLRRLEESGFI
EREQDPENRRRYILEVTRRGEEIIPLILKVEERWEDLLFRDFTEDERKLFRKMCRRLAEEAVRMRGEW
;
_entity_poly.pdbx_strand_id   A,B
#
loop_
_chem_comp.id
_chem_comp.type
_chem_comp.name
_chem_comp.formula
NA non-polymer 'SODIUM ION' 'Na 1'
SAL non-polymer '2-HYDROXYBENZOIC ACID' 'C7 H6 O3'
#
# COMPACT_ATOMS: atom_id res chain seq x y z
N SER A 2 6.79 -12.74 -18.55
CA SER A 2 5.34 -13.01 -18.49
C SER A 2 4.91 -13.40 -17.07
N HIS A 3 5.66 -14.30 -16.45
CA HIS A 3 5.35 -14.72 -15.08
C HIS A 3 6.09 -13.83 -14.10
N MET A 4 5.65 -13.86 -12.84
CA MET A 4 6.23 -13.03 -11.80
C MET A 4 7.40 -13.68 -11.06
N ASP A 5 8.38 -12.87 -10.68
CA ASP A 5 9.55 -13.39 -9.96
C ASP A 5 9.10 -13.99 -8.63
N ARG A 6 9.76 -15.06 -8.23
CA ARG A 6 9.47 -15.72 -6.97
C ARG A 6 10.36 -15.02 -5.95
N ASP A 7 11.11 -14.03 -6.42
CA ASP A 7 12.04 -13.25 -5.60
C ASP A 7 11.40 -12.19 -4.74
N ILE A 8 10.48 -11.44 -5.34
CA ILE A 8 9.79 -10.34 -4.68
C ILE A 8 9.36 -10.64 -3.25
N PRO A 9 9.72 -9.77 -2.31
CA PRO A 9 9.34 -9.98 -0.91
C PRO A 9 7.83 -9.82 -0.73
N LEU A 10 7.32 -10.27 0.41
CA LEU A 10 5.89 -10.19 0.68
C LEU A 10 5.33 -8.79 0.42
N LYS A 11 5.96 -7.79 1.02
N LYS A 11 5.96 -7.78 1.02
CA LYS A 11 5.52 -6.40 0.87
CA LYS A 11 5.51 -6.40 0.86
C LYS A 11 5.33 -6.02 -0.59
C LYS A 11 5.31 -6.02 -0.61
N GLY A 12 6.24 -6.46 -1.45
CA GLY A 12 6.14 -6.14 -2.86
C GLY A 12 4.89 -6.70 -3.51
N LEU A 13 4.57 -7.96 -3.20
CA LEU A 13 3.38 -8.64 -3.75
C LEU A 13 2.11 -7.99 -3.22
N LEU A 14 2.12 -7.62 -1.94
CA LEU A 14 0.99 -6.96 -1.33
C LEU A 14 0.79 -5.60 -2.03
N SER A 15 1.90 -4.92 -2.33
N SER A 15 1.90 -4.92 -2.32
CA SER A 15 1.85 -3.63 -2.99
CA SER A 15 1.85 -3.62 -2.99
C SER A 15 1.21 -3.76 -4.37
C SER A 15 1.22 -3.75 -4.39
N ILE A 16 1.57 -4.82 -5.08
CA ILE A 16 1.04 -5.07 -6.42
C ILE A 16 -0.46 -5.25 -6.32
N ILE A 17 -0.89 -6.13 -5.42
CA ILE A 17 -2.31 -6.39 -5.22
C ILE A 17 -3.07 -5.10 -4.88
N LEU A 18 -2.56 -4.34 -3.92
CA LEU A 18 -3.19 -3.09 -3.51
C LEU A 18 -3.12 -2.04 -4.63
N ARG A 19 -2.13 -2.20 -5.50
N ARG A 19 -2.14 -2.19 -5.51
CA ARG A 19 -1.95 -1.29 -6.63
CA ARG A 19 -1.97 -1.27 -6.63
C ARG A 19 -3.15 -1.42 -7.57
C ARG A 19 -3.14 -1.42 -7.59
N SER A 20 -3.49 -2.66 -7.92
CA SER A 20 -4.61 -2.91 -8.81
C SER A 20 -5.92 -2.49 -8.18
N HIS A 21 -5.99 -2.49 -6.86
CA HIS A 21 -7.22 -2.10 -6.19
C HIS A 21 -7.42 -0.59 -6.31
N ARG A 22 -6.33 0.16 -6.22
CA ARG A 22 -6.40 1.61 -6.36
C ARG A 22 -6.85 1.96 -7.78
N VAL A 23 -6.35 1.20 -8.74
CA VAL A 23 -6.71 1.41 -10.13
C VAL A 23 -8.18 1.05 -10.37
N PHE A 24 -8.59 -0.08 -9.81
CA PHE A 24 -9.95 -0.55 -9.97
C PHE A 24 -10.92 0.49 -9.39
N ILE A 25 -10.65 0.97 -8.17
CA ILE A 25 -11.53 1.97 -7.56
C ILE A 25 -11.68 3.19 -8.46
N GLY A 26 -10.56 3.69 -8.97
CA GLY A 26 -10.60 4.86 -9.82
C GLY A 26 -11.50 4.69 -11.02
N ARG A 27 -11.34 3.58 -11.73
CA ARG A 27 -12.13 3.28 -12.92
C ARG A 27 -13.60 3.02 -12.64
N GLU A 28 -13.89 2.39 -11.50
CA GLU A 28 -15.26 2.06 -11.14
C GLU A 28 -16.02 3.14 -10.39
N LEU A 29 -15.30 4.04 -9.73
CA LEU A 29 -15.95 5.07 -8.95
C LEU A 29 -15.34 6.46 -9.15
N GLY A 30 -14.40 6.56 -10.08
CA GLY A 30 -13.76 7.84 -10.35
C GLY A 30 -14.74 8.91 -10.79
N HIS A 31 -15.82 8.48 -11.44
CA HIS A 31 -16.81 9.43 -11.94
C HIS A 31 -17.70 9.99 -10.84
N LEU A 32 -17.56 9.44 -9.64
CA LEU A 32 -18.30 9.94 -8.48
C LEU A 32 -17.32 10.78 -7.68
N ASN A 33 -16.18 11.07 -8.28
CA ASN A 33 -15.12 11.87 -7.65
C ASN A 33 -14.51 11.18 -6.43
N LEU A 34 -14.45 9.86 -6.50
CA LEU A 34 -13.90 9.06 -5.40
C LEU A 34 -12.57 8.41 -5.72
N THR A 35 -11.69 8.37 -4.73
CA THR A 35 -10.38 7.74 -4.86
C THR A 35 -10.27 6.63 -3.81
N ASP A 36 -9.23 5.82 -3.90
CA ASP A 36 -9.05 4.74 -2.95
C ASP A 36 -8.92 5.30 -1.53
N ALA A 37 -8.13 6.36 -1.37
CA ALA A 37 -7.92 6.96 -0.07
C ALA A 37 -9.23 7.50 0.50
N GLN A 38 -10.03 8.13 -0.36
CA GLN A 38 -11.31 8.67 0.08
C GLN A 38 -12.21 7.52 0.48
N VAL A 39 -12.21 6.45 -0.30
CA VAL A 39 -13.03 5.29 0.00
C VAL A 39 -12.59 4.70 1.33
N ALA A 40 -11.28 4.64 1.55
CA ALA A 40 -10.73 4.12 2.80
C ALA A 40 -11.29 4.89 3.98
N CYS A 41 -11.21 6.22 3.92
CA CYS A 41 -11.72 7.05 4.98
C CYS A 41 -13.22 6.88 5.16
N LEU A 42 -13.95 6.92 4.05
CA LEU A 42 -15.40 6.80 4.11
C LEU A 42 -15.86 5.55 4.86
N LEU A 43 -15.33 4.40 4.47
CA LEU A 43 -15.69 3.15 5.12
C LEU A 43 -15.29 3.14 6.60
N ARG A 44 -14.09 3.61 6.88
CA ARG A 44 -13.60 3.64 8.25
C ARG A 44 -14.49 4.50 9.12
N ILE A 45 -14.96 5.62 8.58
CA ILE A 45 -15.83 6.52 9.34
C ILE A 45 -17.21 5.89 9.46
N HIS A 46 -17.63 5.21 8.40
CA HIS A 46 -18.92 4.55 8.38
C HIS A 46 -19.03 3.52 9.50
N ARG A 47 -17.93 2.80 9.72
N ARG A 47 -17.96 2.79 9.74
CA ARG A 47 -17.86 1.76 10.74
CA ARG A 47 -18.01 1.76 10.78
C ARG A 47 -17.71 2.31 12.15
C ARG A 47 -17.81 2.33 12.18
N GLU A 48 -17.42 3.60 12.27
CA GLU A 48 -17.23 4.24 13.57
C GLU A 48 -17.62 5.72 13.59
N PRO A 49 -18.92 6.02 13.55
CA PRO A 49 -19.36 7.42 13.57
C PRO A 49 -18.84 8.13 14.82
N GLY A 50 -18.38 9.36 14.65
CA GLY A 50 -17.85 10.11 15.77
C GLY A 50 -16.33 10.01 15.85
N ILE A 51 -15.73 9.14 15.05
CA ILE A 51 -14.27 8.99 15.10
C ILE A 51 -13.65 10.34 14.77
N LYS A 52 -12.55 10.67 15.45
CA LYS A 52 -11.87 11.94 15.24
C LYS A 52 -10.95 11.95 14.04
N GLN A 53 -10.79 13.12 13.43
CA GLN A 53 -9.91 13.24 12.28
C GLN A 53 -8.49 12.82 12.62
N ASP A 54 -8.01 13.22 13.80
CA ASP A 54 -6.65 12.88 14.21
C ASP A 54 -6.49 11.39 14.46
N GLU A 55 -7.58 10.73 14.86
CA GLU A 55 -7.54 9.29 15.12
C GLU A 55 -7.49 8.57 13.78
N LEU A 56 -8.14 9.18 12.78
CA LEU A 56 -8.16 8.63 11.44
C LEU A 56 -6.74 8.78 10.92
N ALA A 57 -6.14 9.94 11.19
CA ALA A 57 -4.78 10.20 10.78
C ALA A 57 -3.85 9.14 11.37
N THR A 58 -4.01 8.85 12.65
CA THR A 58 -3.18 7.86 13.32
C THR A 58 -3.40 6.45 12.77
N PHE A 59 -4.65 6.08 12.55
CA PHE A 59 -4.98 4.77 12.02
C PHE A 59 -4.29 4.53 10.67
N PHE A 60 -4.42 5.49 9.75
CA PHE A 60 -3.79 5.34 8.43
C PHE A 60 -2.32 5.70 8.43
N HIS A 61 -1.83 6.20 9.56
CA HIS A 61 -0.44 6.62 9.70
C HIS A 61 -0.05 7.60 8.59
N VAL A 62 -0.76 8.71 8.51
CA VAL A 62 -0.51 9.75 7.53
C VAL A 62 -0.49 11.08 8.28
N ASP A 63 0.14 12.08 7.68
CA ASP A 63 0.22 13.38 8.32
C ASP A 63 -1.11 14.12 8.23
N LYS A 64 -1.23 15.17 9.04
CA LYS A 64 -2.41 16.01 9.13
C LYS A 64 -2.87 16.56 7.77
N GLY A 65 -1.98 17.23 7.05
CA GLY A 65 -2.34 17.79 5.77
C GLY A 65 -2.94 16.77 4.82
N THR A 66 -2.31 15.60 4.75
CA THR A 66 -2.77 14.52 3.88
C THR A 66 -4.19 14.06 4.22
N ILE A 67 -4.43 13.75 5.48
CA ILE A 67 -5.75 13.31 5.91
C ILE A 67 -6.76 14.42 5.70
N ALA A 68 -6.36 15.65 6.02
CA ALA A 68 -7.25 16.79 5.87
C ALA A 68 -7.69 16.96 4.42
N ARG A 69 -6.76 16.81 3.48
CA ARG A 69 -7.07 16.95 2.06
C ARG A 69 -8.07 15.90 1.61
N THR A 70 -7.90 14.66 2.05
CA THR A 70 -8.81 13.60 1.66
C THR A 70 -10.17 13.84 2.30
N LEU A 71 -10.19 14.19 3.58
CA LEU A 71 -11.44 14.44 4.24
C LEU A 71 -12.15 15.64 3.62
N ARG A 72 -11.37 16.61 3.17
CA ARG A 72 -11.95 17.80 2.55
C ARG A 72 -12.73 17.45 1.29
N ARG A 73 -12.23 16.53 0.48
CA ARG A 73 -12.94 16.17 -0.74
C ARG A 73 -14.26 15.46 -0.45
N LEU A 74 -14.27 14.58 0.56
CA LEU A 74 -15.49 13.88 0.94
C LEU A 74 -16.54 14.88 1.43
N GLU A 75 -16.11 15.83 2.26
CA GLU A 75 -17.05 16.83 2.77
C GLU A 75 -17.60 17.67 1.63
N GLU A 76 -16.73 18.06 0.71
N GLU A 76 -16.73 18.06 0.71
CA GLU A 76 -17.14 18.85 -0.45
CA GLU A 76 -17.16 18.86 -0.44
C GLU A 76 -18.19 18.09 -1.24
C GLU A 76 -18.19 18.09 -1.25
N SER A 77 -18.03 16.77 -1.31
CA SER A 77 -18.97 15.93 -2.04
C SER A 77 -20.20 15.67 -1.20
N GLY A 78 -20.17 16.15 0.05
CA GLY A 78 -21.30 15.98 0.95
C GLY A 78 -21.47 14.58 1.51
N PHE A 79 -20.42 13.78 1.45
CA PHE A 79 -20.48 12.41 1.94
C PHE A 79 -20.23 12.28 3.43
N ILE A 80 -19.50 13.25 3.98
CA ILE A 80 -19.22 13.25 5.42
C ILE A 80 -19.40 14.67 5.93
N GLU A 81 -19.60 14.79 7.23
CA GLU A 81 -19.69 16.12 7.82
C GLU A 81 -18.62 16.11 8.87
N ARG A 82 -17.95 17.24 9.01
CA ARG A 82 -16.84 17.41 9.96
C ARG A 82 -17.23 18.47 10.97
N GLU A 83 -17.23 18.11 12.25
CA GLU A 83 -17.62 19.06 13.29
C GLU A 83 -16.53 19.20 14.33
N GLN A 84 -16.44 20.39 14.89
CA GLN A 84 -15.46 20.66 15.92
C GLN A 84 -15.85 19.95 17.21
N ASP A 85 -14.89 19.24 17.80
CA ASP A 85 -15.10 18.51 19.05
C ASP A 85 -15.38 19.49 20.19
N PRO A 86 -16.58 19.40 20.81
CA PRO A 86 -16.98 20.27 21.91
C PRO A 86 -16.05 20.24 23.12
N GLU A 87 -15.35 19.12 23.29
CA GLU A 87 -14.42 18.94 24.41
C GLU A 87 -13.02 19.42 24.07
N ASN A 88 -12.81 19.78 22.80
CA ASN A 88 -11.50 20.23 22.33
C ASN A 88 -11.72 20.84 20.95
N ARG A 89 -11.80 22.16 20.89
CA ARG A 89 -12.04 22.87 19.65
C ARG A 89 -11.06 22.62 18.51
N ARG A 90 -9.89 22.06 18.82
CA ARG A 90 -8.92 21.80 17.76
C ARG A 90 -9.08 20.42 17.12
N ARG A 91 -9.93 19.59 17.68
CA ARG A 91 -10.16 18.25 17.12
C ARG A 91 -11.45 18.26 16.33
N TYR A 92 -11.55 17.33 15.39
CA TYR A 92 -12.73 17.24 14.55
C TYR A 92 -13.38 15.86 14.59
N ILE A 93 -14.67 15.85 14.91
N ILE A 93 -14.66 15.84 14.91
CA ILE A 93 -15.44 14.61 14.98
CA ILE A 93 -15.41 14.60 14.98
C ILE A 93 -16.02 14.37 13.58
C ILE A 93 -16.03 14.37 13.59
N LEU A 94 -15.91 13.14 13.09
CA LEU A 94 -16.41 12.81 11.76
C LEU A 94 -17.62 11.90 11.73
N GLU A 95 -18.45 12.09 10.70
CA GLU A 95 -19.62 11.28 10.52
C GLU A 95 -20.00 11.16 9.04
N VAL A 96 -20.47 9.99 8.64
CA VAL A 96 -20.89 9.81 7.26
C VAL A 96 -22.33 10.37 7.25
N THR A 97 -22.64 11.15 6.24
CA THR A 97 -23.96 11.76 6.11
C THR A 97 -24.98 10.79 5.50
N ARG A 98 -26.23 11.24 5.39
CA ARG A 98 -27.25 10.39 4.80
C ARG A 98 -26.80 10.03 3.38
N ARG A 99 -26.34 11.05 2.67
N ARG A 99 -26.35 11.04 2.63
CA ARG A 99 -25.87 10.92 1.29
CA ARG A 99 -25.91 10.81 1.26
C ARG A 99 -24.68 9.97 1.20
C ARG A 99 -24.67 9.93 1.20
N GLY A 100 -23.78 10.07 2.18
CA GLY A 100 -22.61 9.22 2.20
C GLY A 100 -23.02 7.79 2.45
N GLU A 101 -23.99 7.59 3.34
CA GLU A 101 -24.42 6.24 3.63
C GLU A 101 -25.02 5.59 2.37
N GLU A 102 -25.55 6.40 1.48
CA GLU A 102 -26.15 5.86 0.26
C GLU A 102 -25.13 5.27 -0.71
N ILE A 103 -23.92 5.78 -0.70
CA ILE A 103 -22.95 5.23 -1.63
C ILE A 103 -22.14 4.09 -1.04
N ILE A 104 -22.12 3.98 0.28
CA ILE A 104 -21.40 2.90 0.94
C ILE A 104 -21.69 1.58 0.20
N PRO A 105 -22.98 1.25 -0.02
CA PRO A 105 -23.39 0.02 -0.72
C PRO A 105 -22.72 -0.11 -2.09
N LEU A 106 -22.68 1.00 -2.82
CA LEU A 106 -22.06 1.01 -4.14
C LEU A 106 -20.59 0.66 -4.00
N ILE A 107 -19.94 1.17 -2.95
CA ILE A 107 -18.54 0.88 -2.74
C ILE A 107 -18.33 -0.59 -2.41
N LEU A 108 -19.15 -1.13 -1.52
CA LEU A 108 -19.04 -2.54 -1.13
C LEU A 108 -19.19 -3.49 -2.32
N LYS A 109 -20.02 -3.11 -3.28
N LYS A 109 -20.02 -3.10 -3.28
CA LYS A 109 -20.22 -3.93 -4.47
CA LYS A 109 -20.22 -3.92 -4.48
C LYS A 109 -18.97 -3.92 -5.33
C LYS A 109 -18.97 -3.92 -5.34
N VAL A 110 -18.30 -2.78 -5.40
CA VAL A 110 -17.08 -2.67 -6.19
C VAL A 110 -16.00 -3.53 -5.52
N GLU A 111 -15.97 -3.54 -4.18
CA GLU A 111 -14.99 -4.34 -3.45
C GLU A 111 -15.28 -5.81 -3.72
N GLU A 112 -16.56 -6.18 -3.70
CA GLU A 112 -16.96 -7.55 -3.93
C GLU A 112 -16.54 -8.01 -5.32
N ARG A 113 -16.77 -7.16 -6.31
N ARG A 113 -16.76 -7.15 -6.31
CA ARG A 113 -16.40 -7.49 -7.69
CA ARG A 113 -16.40 -7.45 -7.69
C ARG A 113 -14.88 -7.60 -7.84
C ARG A 113 -14.89 -7.60 -7.82
N TRP A 114 -14.16 -6.67 -7.22
CA TRP A 114 -12.70 -6.69 -7.29
C TRP A 114 -12.20 -8.01 -6.71
N GLU A 115 -12.75 -8.38 -5.56
CA GLU A 115 -12.35 -9.62 -4.90
C GLU A 115 -12.64 -10.84 -5.75
N ASP A 116 -13.80 -10.86 -6.41
CA ASP A 116 -14.14 -12.01 -7.26
C ASP A 116 -13.16 -12.09 -8.41
N LEU A 117 -12.79 -10.95 -8.97
CA LEU A 117 -11.86 -10.93 -10.08
C LEU A 117 -10.49 -11.45 -9.65
N LEU A 118 -10.02 -10.99 -8.49
CA LEU A 118 -8.72 -11.39 -7.96
C LEU A 118 -8.62 -12.88 -7.60
N PHE A 119 -9.71 -13.46 -7.10
CA PHE A 119 -9.71 -14.88 -6.71
C PHE A 119 -10.24 -15.79 -7.83
N ARG A 120 -10.12 -15.34 -9.06
CA ARG A 120 -10.60 -16.11 -10.21
C ARG A 120 -10.05 -17.54 -10.22
N ASP A 121 -8.74 -17.68 -10.01
CA ASP A 121 -8.09 -18.98 -10.04
C ASP A 121 -8.06 -19.67 -8.67
N PHE A 122 -8.76 -19.11 -7.69
CA PHE A 122 -8.80 -19.68 -6.34
C PHE A 122 -10.06 -20.50 -6.05
N THR A 123 -9.88 -21.67 -5.46
CA THR A 123 -11.03 -22.51 -5.13
C THR A 123 -11.75 -21.81 -3.98
N GLU A 124 -12.93 -22.31 -3.60
CA GLU A 124 -13.69 -21.71 -2.52
C GLU A 124 -12.89 -21.84 -1.22
N ASP A 125 -12.32 -23.02 -1.01
CA ASP A 125 -11.53 -23.30 0.19
C ASP A 125 -10.32 -22.39 0.30
N GLU A 126 -9.57 -22.27 -0.79
CA GLU A 126 -8.38 -21.44 -0.81
C GLU A 126 -8.69 -19.99 -0.45
N ARG A 127 -9.75 -19.45 -1.04
CA ARG A 127 -10.14 -18.07 -0.78
C ARG A 127 -10.46 -17.79 0.68
N LYS A 128 -11.31 -18.61 1.28
CA LYS A 128 -11.66 -18.41 2.68
C LYS A 128 -10.41 -18.56 3.56
N LEU A 129 -9.52 -19.46 3.16
CA LEU A 129 -8.29 -19.68 3.93
C LEU A 129 -7.37 -18.47 3.84
N PHE A 130 -7.23 -17.91 2.64
CA PHE A 130 -6.38 -16.74 2.45
C PHE A 130 -6.92 -15.61 3.32
N ARG A 131 -8.24 -15.42 3.27
N ARG A 131 -8.23 -15.44 3.27
CA ARG A 131 -8.88 -14.37 4.06
CA ARG A 131 -8.93 -14.42 4.05
C ARG A 131 -8.60 -14.59 5.54
C ARG A 131 -8.61 -14.59 5.52
N LYS A 132 -8.75 -15.82 6.01
CA LYS A 132 -8.49 -16.15 7.40
C LYS A 132 -7.05 -15.81 7.75
N MET A 133 -6.13 -16.13 6.86
CA MET A 133 -4.72 -15.85 7.10
C MET A 133 -4.48 -14.34 7.11
N CYS A 134 -5.17 -13.62 6.24
CA CYS A 134 -5.00 -12.17 6.20
C CYS A 134 -5.41 -11.55 7.53
N ARG A 135 -6.53 -11.99 8.07
CA ARG A 135 -7.02 -11.47 9.35
C ARG A 135 -5.98 -11.70 10.45
N ARG A 136 -5.45 -12.92 10.52
CA ARG A 136 -4.46 -13.25 11.52
C ARG A 136 -3.25 -12.34 11.40
N LEU A 137 -2.84 -12.03 10.18
CA LEU A 137 -1.68 -11.18 9.94
C LEU A 137 -1.98 -9.71 10.21
N ALA A 138 -3.20 -9.29 9.92
CA ALA A 138 -3.59 -7.92 10.17
C ALA A 138 -3.58 -7.75 11.67
N GLU A 139 -3.96 -8.81 12.38
CA GLU A 139 -3.96 -8.75 13.83
C GLU A 139 -2.54 -8.64 14.35
N GLU A 140 -1.60 -9.30 13.68
CA GLU A 140 -0.20 -9.25 14.09
C GLU A 140 0.36 -7.85 13.85
N ALA A 141 0.01 -7.24 12.72
CA ALA A 141 0.47 -5.90 12.38
C ALA A 141 0.01 -4.93 13.47
N VAL A 142 -1.22 -5.10 13.94
CA VAL A 142 -1.72 -4.21 14.98
C VAL A 142 -0.93 -4.43 16.26
N ARG A 143 -0.55 -5.67 16.55
CA ARG A 143 0.25 -5.94 17.75
C ARG A 143 1.58 -5.21 17.59
N MET A 144 2.17 -5.31 16.41
CA MET A 144 3.44 -4.67 16.13
C MET A 144 3.40 -3.16 16.36
N ARG A 145 2.36 -2.50 15.87
CA ARG A 145 2.23 -1.06 16.06
C ARG A 145 2.26 -0.79 17.56
N GLY A 146 1.69 -1.72 18.33
CA GLY A 146 1.65 -1.58 19.77
C GLY A 146 2.96 -1.84 20.46
N GLU A 147 3.73 -2.79 19.93
CA GLU A 147 5.02 -3.15 20.49
C GLU A 147 5.97 -1.96 20.43
N TRP A 148 5.92 -1.21 19.33
CA TRP A 148 6.79 -0.06 19.20
C TRP A 148 6.02 1.25 19.34
N ASP B 7 -18.21 -7.95 6.85
CA ASP B 7 -16.89 -7.72 7.51
C ASP B 7 -16.04 -6.75 6.72
N ILE B 8 -14.85 -6.46 7.25
CA ILE B 8 -13.93 -5.55 6.60
C ILE B 8 -13.54 -6.12 5.24
N PRO B 9 -13.50 -5.27 4.20
CA PRO B 9 -13.13 -5.79 2.88
C PRO B 9 -11.71 -6.33 2.91
N LEU B 10 -11.43 -7.27 2.02
CA LEU B 10 -10.09 -7.85 1.95
C LEU B 10 -9.05 -6.76 1.89
N LYS B 11 -9.28 -5.75 1.04
CA LYS B 11 -8.34 -4.65 0.89
C LYS B 11 -7.97 -3.99 2.22
N GLY B 12 -8.93 -3.95 3.14
CA GLY B 12 -8.69 -3.33 4.43
C GLY B 12 -7.65 -4.11 5.21
N LEU B 13 -7.73 -5.44 5.14
CA LEU B 13 -6.79 -6.29 5.84
C LEU B 13 -5.38 -6.17 5.25
N LEU B 14 -5.30 -6.10 3.93
CA LEU B 14 -4.01 -5.98 3.27
C LEU B 14 -3.40 -4.61 3.52
N SER B 15 -4.24 -3.58 3.58
N SER B 15 -4.23 -3.59 3.58
CA SER B 15 -3.76 -2.22 3.83
CA SER B 15 -3.78 -2.23 3.82
C SER B 15 -3.14 -2.16 5.21
C SER B 15 -3.16 -2.14 5.22
N ILE B 16 -3.84 -2.74 6.18
CA ILE B 16 -3.38 -2.77 7.58
C ILE B 16 -2.00 -3.41 7.64
N ILE B 17 -1.86 -4.58 7.02
CA ILE B 17 -0.59 -5.29 6.99
C ILE B 17 0.53 -4.47 6.33
N LEU B 18 0.27 -4.01 5.12
CA LEU B 18 1.26 -3.22 4.38
C LEU B 18 1.62 -1.95 5.15
N ARG B 19 0.66 -1.42 5.91
CA ARG B 19 0.88 -0.20 6.69
C ARG B 19 1.96 -0.39 7.76
N SER B 20 2.02 -1.57 8.35
CA SER B 20 3.03 -1.82 9.38
C SER B 20 4.43 -1.89 8.76
C SER B 20 4.43 -1.89 8.76
N HIS B 21 4.49 -2.25 7.49
CA HIS B 21 5.76 -2.33 6.80
C HIS B 21 6.23 -0.91 6.53
N ARG B 22 5.29 -0.06 6.12
N ARG B 22 5.31 -0.05 6.11
CA ARG B 22 5.58 1.34 5.84
CA ARG B 22 5.65 1.34 5.85
C ARG B 22 6.10 2.02 7.12
C ARG B 22 6.12 2.02 7.13
N VAL B 23 5.46 1.71 8.24
CA VAL B 23 5.84 2.30 9.52
C VAL B 23 7.18 1.73 10.00
N PHE B 24 7.39 0.45 9.75
CA PHE B 24 8.62 -0.20 10.16
C PHE B 24 9.83 0.39 9.40
N ILE B 25 9.72 0.58 8.10
CA ILE B 25 10.85 1.13 7.34
C ILE B 25 11.19 2.52 7.87
N GLY B 26 10.17 3.31 8.17
CA GLY B 26 10.39 4.63 8.70
C GLY B 26 11.23 4.60 9.97
N ARG B 27 10.92 3.66 10.86
CA ARG B 27 11.64 3.51 12.11
C ARG B 27 13.05 2.99 11.94
N GLU B 28 13.23 2.00 11.07
CA GLU B 28 14.53 1.41 10.85
C GLU B 28 15.44 2.10 9.86
N LEU B 29 14.87 2.83 8.90
CA LEU B 29 15.72 3.48 7.91
C LEU B 29 15.41 4.94 7.70
N GLY B 30 14.51 5.48 8.51
CA GLY B 30 14.14 6.88 8.39
C GLY B 30 15.33 7.80 8.53
N HIS B 31 16.33 7.37 9.30
CA HIS B 31 17.51 8.20 9.49
C HIS B 31 18.31 8.38 8.19
N LEU B 32 17.99 7.55 7.19
CA LEU B 32 18.64 7.63 5.88
C LEU B 32 17.69 8.28 4.89
N ASN B 33 16.58 8.82 5.40
CA ASN B 33 15.57 9.47 4.55
C ASN B 33 15.09 8.52 3.47
N LEU B 34 14.95 7.24 3.84
CA LEU B 34 14.50 6.22 2.90
C LEU B 34 13.03 5.91 3.16
N THR B 35 12.28 5.69 2.09
CA THR B 35 10.87 5.37 2.16
C THR B 35 10.66 3.97 1.57
N ASP B 36 9.44 3.46 1.64
CA ASP B 36 9.12 2.15 1.08
C ASP B 36 9.43 2.16 -0.40
N ALA B 37 8.94 3.19 -1.08
CA ALA B 37 9.14 3.32 -2.51
C ALA B 37 10.63 3.34 -2.86
N GLN B 38 11.42 4.10 -2.09
CA GLN B 38 12.85 4.19 -2.34
C GLN B 38 13.59 2.88 -2.09
N VAL B 39 13.26 2.21 -0.99
CA VAL B 39 13.91 0.94 -0.70
C VAL B 39 13.62 -0.04 -1.84
N ALA B 40 12.37 -0.11 -2.26
CA ALA B 40 11.96 -1.01 -3.34
C ALA B 40 12.76 -0.75 -4.62
N CYS B 41 12.83 0.51 -5.04
CA CYS B 41 13.58 0.83 -6.24
C CYS B 41 15.06 0.50 -6.07
N LEU B 42 15.61 0.88 -4.92
CA LEU B 42 17.01 0.63 -4.64
C LEU B 42 17.36 -0.85 -4.71
N LEU B 43 16.48 -1.67 -4.15
CA LEU B 43 16.72 -3.11 -4.16
C LEU B 43 16.63 -3.70 -5.55
N ARG B 44 15.64 -3.24 -6.33
CA ARG B 44 15.46 -3.76 -7.67
C ARG B 44 16.64 -3.39 -8.58
N ILE B 45 17.16 -2.17 -8.42
CA ILE B 45 18.29 -1.72 -9.21
C ILE B 45 19.51 -2.53 -8.82
N HIS B 46 19.60 -2.86 -7.54
CA HIS B 46 20.71 -3.65 -7.04
C HIS B 46 20.67 -5.05 -7.64
N ARG B 47 19.47 -5.56 -7.88
N ARG B 47 19.47 -5.56 -7.88
CA ARG B 47 19.34 -6.89 -8.46
CA ARG B 47 19.32 -6.88 -8.45
C ARG B 47 19.52 -6.85 -9.97
C ARG B 47 19.51 -6.86 -9.97
N GLU B 48 19.28 -5.70 -10.57
CA GLU B 48 19.40 -5.54 -12.02
C GLU B 48 20.23 -4.33 -12.43
N PRO B 49 21.54 -4.34 -12.13
CA PRO B 49 22.37 -3.18 -12.50
C PRO B 49 22.28 -2.83 -14.00
N GLY B 50 22.15 -1.54 -14.28
CA GLY B 50 22.06 -1.12 -15.67
C GLY B 50 20.63 -1.10 -16.17
N ILE B 51 19.69 -1.47 -15.30
CA ILE B 51 18.28 -1.47 -15.69
C ILE B 51 17.84 -0.08 -16.14
N LYS B 52 16.95 -0.03 -17.11
CA LYS B 52 16.46 1.24 -17.62
C LYS B 52 15.39 1.83 -16.70
N GLN B 53 15.35 3.16 -16.65
CA GLN B 53 14.37 3.81 -15.80
C GLN B 53 12.95 3.43 -16.18
N ASP B 54 12.65 3.36 -17.47
CA ASP B 54 11.29 3.00 -17.88
C ASP B 54 11.01 1.52 -17.63
N GLU B 55 12.04 0.67 -17.70
CA GLU B 55 11.84 -0.75 -17.44
C GLU B 55 11.52 -0.95 -15.96
N LEU B 56 12.03 -0.05 -15.12
CA LEU B 56 11.78 -0.11 -13.69
C LEU B 56 10.33 0.30 -13.41
N ALA B 57 9.88 1.35 -14.11
CA ALA B 57 8.51 1.84 -13.93
C ALA B 57 7.51 0.76 -14.37
N THR B 58 7.80 0.10 -15.49
CA THR B 58 6.93 -0.97 -15.99
C THR B 58 6.94 -2.14 -15.01
N PHE B 59 8.08 -2.34 -14.34
CA PHE B 59 8.20 -3.43 -13.39
C PHE B 59 7.30 -3.24 -12.17
N PHE B 60 7.28 -2.03 -11.63
CA PHE B 60 6.47 -1.74 -10.46
C PHE B 60 5.03 -1.36 -10.80
N HIS B 61 4.74 -1.19 -12.09
CA HIS B 61 3.39 -0.82 -12.50
C HIS B 61 3.06 0.57 -11.98
N VAL B 62 4.06 1.45 -11.93
CA VAL B 62 3.83 2.81 -11.46
C VAL B 62 4.11 3.82 -12.58
N ASP B 63 3.49 4.98 -12.48
N ASP B 63 3.47 4.98 -12.50
CA ASP B 63 3.62 6.05 -13.47
CA ASP B 63 3.63 6.03 -13.50
C ASP B 63 5.03 6.63 -13.56
C ASP B 63 5.04 6.59 -13.57
N LYS B 64 5.43 7.00 -14.78
CA LYS B 64 6.76 7.57 -15.01
C LYS B 64 7.10 8.71 -14.06
N GLY B 65 6.13 9.58 -13.80
CA GLY B 65 6.37 10.71 -12.92
C GLY B 65 6.71 10.30 -11.49
N THR B 66 6.06 9.23 -11.01
CA THR B 66 6.27 8.73 -9.66
C THR B 66 7.64 8.06 -9.52
N ILE B 67 7.98 7.21 -10.47
CA ILE B 67 9.27 6.53 -10.44
C ILE B 67 10.38 7.58 -10.45
N ALA B 68 10.21 8.60 -11.28
CA ALA B 68 11.20 9.67 -11.41
C ALA B 68 11.43 10.42 -10.10
N ARG B 69 10.34 10.79 -9.41
CA ARG B 69 10.46 11.50 -8.14
C ARG B 69 11.14 10.60 -7.10
N THR B 70 10.84 9.30 -7.16
CA THR B 70 11.45 8.37 -6.20
C THR B 70 12.95 8.22 -6.48
N LEU B 71 13.31 8.18 -7.75
CA LEU B 71 14.71 8.05 -8.12
C LEU B 71 15.50 9.31 -7.78
N ARG B 72 14.88 10.48 -7.93
CA ARG B 72 15.55 11.73 -7.60
C ARG B 72 15.90 11.74 -6.12
N ARG B 73 15.02 11.16 -5.29
CA ARG B 73 15.29 11.12 -3.87
C ARG B 73 16.53 10.27 -3.61
N LEU B 74 16.57 9.09 -4.22
CA LEU B 74 17.71 8.20 -4.05
C LEU B 74 19.04 8.77 -4.55
N GLU B 75 19.02 9.44 -5.69
CA GLU B 75 20.27 9.98 -6.21
C GLU B 75 20.69 11.21 -5.42
N GLU B 76 19.73 11.91 -4.83
CA GLU B 76 20.04 13.08 -4.02
C GLU B 76 20.78 12.63 -2.75
N SER B 77 20.42 11.45 -2.27
CA SER B 77 21.03 10.90 -1.06
C SER B 77 22.32 10.17 -1.41
N GLY B 78 22.60 10.07 -2.71
CA GLY B 78 23.82 9.42 -3.18
C GLY B 78 23.77 7.90 -3.25
N PHE B 79 22.58 7.32 -3.22
CA PHE B 79 22.46 5.87 -3.24
C PHE B 79 22.48 5.28 -4.63
N ILE B 80 22.09 6.08 -5.62
CA ILE B 80 22.10 5.63 -7.02
C ILE B 80 22.61 6.70 -7.96
N GLU B 81 22.98 6.28 -9.16
CA GLU B 81 23.47 7.20 -10.17
C GLU B 81 22.73 6.90 -11.47
N ARG B 82 22.45 7.95 -12.23
CA ARG B 82 21.73 7.79 -13.50
C ARG B 82 22.57 8.30 -14.67
N GLU B 83 22.60 7.52 -15.74
CA GLU B 83 23.36 7.89 -16.95
C GLU B 83 22.41 7.81 -18.14
N GLN B 84 22.52 8.75 -19.07
CA GLN B 84 21.68 8.71 -20.25
C GLN B 84 21.97 7.40 -20.97
N ASP B 85 20.93 6.76 -21.48
CA ASP B 85 21.09 5.52 -22.22
C ASP B 85 21.89 5.87 -23.47
N PRO B 86 23.01 5.18 -23.71
CA PRO B 86 23.88 5.43 -24.87
C PRO B 86 23.19 5.38 -26.25
N GLU B 87 22.06 4.69 -26.33
CA GLU B 87 21.35 4.58 -27.61
C GLU B 87 19.98 5.26 -27.58
N ASN B 88 19.79 6.17 -26.64
CA ASN B 88 18.54 6.91 -26.49
C ASN B 88 18.70 7.88 -25.32
N ARG B 89 19.25 9.06 -25.62
CA ARG B 89 19.50 10.08 -24.60
C ARG B 89 18.29 10.53 -23.80
N ARG B 90 17.09 10.18 -24.25
CA ARG B 90 15.89 10.57 -23.53
C ARG B 90 15.57 9.46 -22.55
N ARG B 91 16.51 8.53 -22.42
CA ARG B 91 16.36 7.37 -21.54
C ARG B 91 17.48 7.38 -20.51
N TYR B 92 17.21 6.82 -19.33
CA TYR B 92 18.20 6.75 -18.26
C TYR B 92 18.43 5.30 -17.85
N ILE B 93 19.66 4.98 -17.49
CA ILE B 93 20.01 3.65 -17.03
C ILE B 93 20.42 3.82 -15.58
N LEU B 94 20.00 2.89 -14.73
CA LEU B 94 20.26 2.98 -13.30
C LEU B 94 21.39 2.07 -12.81
N GLU B 95 22.11 2.55 -11.80
CA GLU B 95 23.21 1.81 -11.18
C GLU B 95 23.24 2.16 -9.69
N VAL B 96 23.49 1.17 -8.83
CA VAL B 96 23.59 1.47 -7.41
C VAL B 96 25.01 2.00 -7.25
N THR B 97 25.19 3.00 -6.39
CA THR B 97 26.52 3.57 -6.18
C THR B 97 27.24 2.81 -5.07
N ARG B 98 28.50 3.18 -4.87
CA ARG B 98 29.29 2.57 -3.82
C ARG B 98 28.55 2.73 -2.51
N ARG B 99 28.08 3.95 -2.26
N ARG B 99 28.08 3.95 -2.27
CA ARG B 99 27.33 4.27 -1.04
CA ARG B 99 27.34 4.29 -1.06
C ARG B 99 26.08 3.42 -0.92
C ARG B 99 26.07 3.45 -0.92
N GLY B 100 25.35 3.29 -2.02
CA GLY B 100 24.13 2.49 -2.00
C GLY B 100 24.41 1.04 -1.65
N GLU B 101 25.44 0.47 -2.25
CA GLU B 101 25.80 -0.92 -1.99
C GLU B 101 26.19 -1.12 -0.53
N GLU B 102 26.58 -0.04 0.14
CA GLU B 102 26.99 -0.14 1.55
C GLU B 102 25.79 -0.38 2.48
N ILE B 103 24.63 0.18 2.13
CA ILE B 103 23.44 0.01 2.97
C ILE B 103 22.49 -1.10 2.54
N ILE B 104 22.78 -1.78 1.43
CA ILE B 104 21.89 -2.85 0.97
C ILE B 104 21.74 -3.96 2.00
N PRO B 105 22.86 -4.45 2.56
CA PRO B 105 22.73 -5.52 3.56
C PRO B 105 21.82 -5.12 4.70
N LEU B 106 21.94 -3.86 5.16
CA LEU B 106 21.09 -3.39 6.26
C LEU B 106 19.64 -3.38 5.80
N ILE B 107 19.40 -2.88 4.59
CA ILE B 107 18.05 -2.84 4.04
C ILE B 107 17.46 -4.26 3.96
N LEU B 108 18.24 -5.21 3.47
CA LEU B 108 17.74 -6.58 3.37
C LEU B 108 17.40 -7.16 4.75
N LYS B 109 18.22 -6.85 5.74
CA LYS B 109 17.98 -7.37 7.09
C LYS B 109 16.68 -6.79 7.61
N VAL B 110 16.44 -5.52 7.29
CA VAL B 110 15.21 -4.84 7.73
C VAL B 110 13.97 -5.46 7.10
N GLU B 111 14.04 -5.74 5.80
CA GLU B 111 12.91 -6.33 5.11
C GLU B 111 12.64 -7.69 5.72
N GLU B 112 13.71 -8.46 5.88
CA GLU B 112 13.61 -9.79 6.45
C GLU B 112 12.99 -9.74 7.84
N ARG B 113 13.41 -8.77 8.66
CA ARG B 113 12.89 -8.65 10.01
C ARG B 113 11.42 -8.23 10.08
N TRP B 114 10.93 -7.52 9.06
CA TRP B 114 9.53 -7.14 9.08
C TRP B 114 8.69 -8.38 8.84
N GLU B 115 9.11 -9.22 7.90
CA GLU B 115 8.38 -10.44 7.63
C GLU B 115 8.40 -11.37 8.84
N ASP B 116 9.55 -11.54 9.47
CA ASP B 116 9.62 -12.41 10.64
C ASP B 116 8.72 -11.91 11.76
N LEU B 117 8.63 -10.60 11.95
CA LEU B 117 7.76 -10.06 12.98
C LEU B 117 6.29 -10.37 12.66
N LEU B 118 5.91 -10.18 11.39
CA LEU B 118 4.53 -10.41 10.95
C LEU B 118 4.09 -11.86 11.04
N PHE B 119 5.02 -12.78 10.76
CA PHE B 119 4.74 -14.21 10.77
C PHE B 119 5.11 -14.92 12.08
N ARG B 120 5.35 -14.15 13.14
CA ARG B 120 5.73 -14.76 14.41
C ARG B 120 4.78 -15.85 14.87
N ASP B 121 3.48 -15.69 14.63
CA ASP B 121 2.54 -16.72 15.06
C ASP B 121 2.10 -17.62 13.91
N PHE B 122 2.92 -17.69 12.86
CA PHE B 122 2.66 -18.54 11.70
C PHE B 122 3.72 -19.62 11.65
N THR B 123 3.32 -20.84 11.29
CA THR B 123 4.26 -21.95 11.17
C THR B 123 4.96 -21.75 9.83
N GLU B 124 6.10 -22.40 9.64
CA GLU B 124 6.84 -22.29 8.38
C GLU B 124 5.96 -22.59 7.17
N ASP B 125 5.13 -23.63 7.27
CA ASP B 125 4.26 -24.01 6.16
C ASP B 125 3.14 -23.00 5.85
N GLU B 126 2.47 -22.49 6.87
CA GLU B 126 1.42 -21.50 6.62
C GLU B 126 2.10 -20.32 5.97
N ARG B 127 3.28 -19.99 6.48
CA ARG B 127 4.05 -18.86 5.98
C ARG B 127 4.35 -19.04 4.50
N LYS B 128 4.79 -20.23 4.12
CA LYS B 128 5.11 -20.51 2.72
C LYS B 128 3.85 -20.48 1.85
N LEU B 129 2.76 -21.00 2.39
CA LEU B 129 1.52 -21.02 1.64
C LEU B 129 1.00 -19.61 1.42
N PHE B 130 0.92 -18.84 2.50
CA PHE B 130 0.44 -17.47 2.40
C PHE B 130 1.24 -16.75 1.33
N ARG B 131 2.55 -16.93 1.36
N ARG B 131 2.55 -16.94 1.36
CA ARG B 131 3.42 -16.29 0.38
CA ARG B 131 3.45 -16.33 0.40
C ARG B 131 3.11 -16.77 -1.03
C ARG B 131 3.14 -16.78 -1.02
N LYS B 132 2.87 -18.07 -1.18
CA LYS B 132 2.56 -18.61 -2.49
C LYS B 132 1.26 -18.03 -3.01
N MET B 133 0.25 -17.98 -2.16
CA MET B 133 -1.04 -17.42 -2.58
C MET B 133 -0.90 -15.96 -3.02
N CYS B 134 -0.20 -15.14 -2.24
CA CYS B 134 -0.02 -13.74 -2.59
C CYS B 134 0.56 -13.61 -4.00
N ARG B 135 1.50 -14.48 -4.32
CA ARG B 135 2.14 -14.43 -5.62
C ARG B 135 1.09 -14.72 -6.70
N ARG B 136 0.25 -15.73 -6.43
CA ARG B 136 -0.80 -16.10 -7.37
C ARG B 136 -1.76 -14.93 -7.55
N LEU B 137 -2.19 -14.33 -6.45
CA LEU B 137 -3.11 -13.19 -6.52
C LEU B 137 -2.44 -12.02 -7.23
N ALA B 138 -1.15 -11.84 -7.00
CA ALA B 138 -0.40 -10.76 -7.63
C ALA B 138 -0.35 -10.93 -9.16
N GLU B 139 -0.04 -12.14 -9.62
CA GLU B 139 0.01 -12.36 -11.07
C GLU B 139 -1.35 -12.03 -11.68
N GLU B 140 -2.41 -12.45 -11.00
CA GLU B 140 -3.76 -12.17 -11.45
C GLU B 140 -3.97 -10.66 -11.55
N ALA B 141 -3.55 -9.95 -10.50
CA ALA B 141 -3.68 -8.51 -10.45
C ALA B 141 -3.10 -7.86 -11.71
N VAL B 142 -1.98 -8.40 -12.18
CA VAL B 142 -1.33 -7.90 -13.39
C VAL B 142 -2.23 -8.10 -14.60
N ARG B 143 -2.87 -9.27 -14.68
CA ARG B 143 -3.78 -9.58 -15.80
C ARG B 143 -4.96 -8.62 -15.79
N MET B 144 -5.61 -8.49 -14.64
CA MET B 144 -6.74 -7.59 -14.47
C MET B 144 -6.44 -6.20 -15.02
NA NA C . -8.27 11.60 -2.58
NA NA D . -20.35 7.57 10.41
NA NA E . -26.79 13.64 6.88
NA NA F . -9.15 15.90 15.14
C1' SAL G . 5.12 1.57 -4.47
O1' SAL G . 4.16 2.22 -4.08
O2' SAL G . 5.10 0.39 -4.14
C1 SAL G . 6.18 2.14 -5.25
C2 SAL G . 6.23 3.54 -5.66
C3 SAL G . 7.31 4.10 -6.44
C4 SAL G . 8.37 3.23 -6.84
C5 SAL G . 8.40 1.84 -6.48
C6 SAL G . 7.30 1.31 -5.68
O2 SAL G . 5.25 4.43 -5.32
NA NA H . -11.41 -5.81 -0.83
NA NA I . 9.94 8.59 -1.71
C1' SAL J . -8.59 0.56 4.65
O1' SAL J . -8.53 0.69 3.44
O2' SAL J . -7.54 0.84 5.22
C1 SAL J . -9.78 0.16 5.34
C2 SAL J . -11.04 -0.17 4.68
C3 SAL J . -12.24 -0.59 5.41
C4 SAL J . -12.17 -0.68 6.82
C5 SAL J . -10.96 -0.37 7.55
C6 SAL J . -9.78 0.04 6.80
O2 SAL J . -11.19 -0.11 3.34
#